data_6FH8
#
_entry.id   6FH8
#
_cell.length_a   57.722
_cell.length_b   57.722
_cell.length_c   183.615
_cell.angle_alpha   90.00
_cell.angle_beta   90.00
_cell.angle_gamma   90.00
#
_symmetry.space_group_name_H-M   'I 41 2 2'
#
loop_
_entity.id
_entity.type
_entity.pdbx_description
1 polymer Streptavidin
2 non-polymer 'biotinylated ruthenium cyclopentadienide'
3 water water
#
_entity_poly.entity_id   1
_entity_poly.type   'polypeptide(L)'
_entity_poly.pdbx_seq_one_letter_code
;MASMTGGQQMGRDEAGITGTWYNQLGSTFIVTAGADGALTGTYESAVGNAESRYVLTGRYDSAPATDGSGTALGWTVAWK
NNYRNAHSATTWSGQYVGGAEARINTQWLLTMGTTEANAWASTLVGHDTFTKVKPSAASIDAAKKAGVNNGNPLDAVQQ
;
_entity_poly.pdbx_strand_id   A
#
# COMPACT_ATOMS: atom_id res chain seq x y z
N MET A 10 -11.46 9.61 -14.77
CA MET A 10 -10.55 9.79 -15.95
C MET A 10 -9.32 8.83 -16.02
N GLY A 11 -8.63 8.48 -14.90
CA GLY A 11 -7.81 7.23 -14.94
C GLY A 11 -8.75 6.04 -15.15
N ARG A 12 -8.38 4.93 -15.85
CA ARG A 12 -9.41 3.82 -16.07
C ARG A 12 -9.91 3.29 -14.74
N ASP A 13 -9.03 3.15 -13.75
CA ASP A 13 -9.45 2.52 -12.48
C ASP A 13 -9.40 3.51 -11.39
N GLU A 14 -9.47 4.79 -11.74
CA GLU A 14 -9.44 5.82 -10.72
C GLU A 14 -10.61 5.54 -9.72
N ALA A 15 -11.77 5.26 -10.29
CA ALA A 15 -12.89 5.02 -9.45
C ALA A 15 -12.84 3.69 -8.65
N GLY A 16 -12.32 2.65 -9.29
CA GLY A 16 -12.25 1.30 -8.70
C GLY A 16 -11.24 1.36 -7.55
N ILE A 17 -10.17 2.14 -7.71
CA ILE A 17 -9.16 2.17 -6.62
C ILE A 17 -9.46 3.07 -5.43
N THR A 18 -10.03 4.25 -5.69
CA THR A 18 -10.36 5.19 -4.64
C THR A 18 -11.33 4.57 -3.65
N GLY A 19 -10.97 4.72 -2.37
CA GLY A 19 -11.74 4.25 -1.25
C GLY A 19 -10.96 3.56 -0.17
N THR A 20 -11.67 2.71 0.57
CA THR A 20 -11.18 2.06 1.77
C THR A 20 -11.01 0.59 1.48
N TRP A 21 -9.83 0.09 1.84
CA TRP A 21 -9.45 -1.28 1.61
C TRP A 21 -8.92 -1.88 2.91
N TYR A 22 -9.06 -3.22 3.04
CA TYR A 22 -8.73 -3.91 4.25
C TYR A 22 -7.87 -5.14 3.84
N ASN A 23 -6.82 -5.40 4.58
CA ASN A 23 -6.03 -6.61 4.29
C ASN A 23 -6.31 -7.77 5.27
N GLN A 24 -5.59 -8.85 5.03
CA GLN A 24 -5.77 -10.07 5.80
C GLN A 24 -5.43 -9.95 7.30
N LEU A 25 -4.63 -8.98 7.63
CA LEU A 25 -4.22 -8.64 9.02
C LEU A 25 -5.25 -7.78 9.76
N GLY A 26 -6.16 -7.20 9.01
CA GLY A 26 -7.12 -6.27 9.54
C GLY A 26 -6.66 -4.80 9.40
N SER A 27 -5.60 -4.54 8.66
CA SER A 27 -5.14 -3.16 8.43
C SER A 27 -6.11 -2.46 7.48
N THR A 28 -6.11 -1.13 7.52
CA THR A 28 -6.98 -0.28 6.74
C THR A 28 -6.17 0.68 5.91
N PHE A 29 -6.40 0.70 4.62
CA PHE A 29 -5.69 1.56 3.58
C PHE A 29 -6.84 2.43 2.97
N ILE A 30 -6.76 3.74 3.15
CA ILE A 30 -7.68 4.71 2.59
C ILE A 30 -6.90 5.47 1.56
N VAL A 31 -7.36 5.43 0.31
CA VAL A 31 -6.63 5.98 -0.79
C VAL A 31 -7.52 6.77 -1.74
N THR A 32 -6.97 7.84 -2.33
CA THR A 32 -7.57 8.53 -3.42
C THR A 32 -6.63 8.39 -4.63
N ALA A 33 -7.19 7.98 -5.77
CA ALA A 33 -6.43 7.91 -7.00
C ALA A 33 -6.76 9.12 -7.87
N GLY A 34 -5.74 9.81 -8.31
CA GLY A 34 -5.78 10.95 -9.17
C GLY A 34 -5.85 10.57 -10.66
N ALA A 35 -6.37 11.45 -11.50
CA ALA A 35 -6.52 11.14 -12.96
C ALA A 35 -5.26 10.77 -13.71
N ASP A 36 -4.17 11.35 -13.24
CA ASP A 36 -2.79 11.40 -13.76
C ASP A 36 -1.91 10.23 -13.20
N GLY A 37 -2.39 9.44 -12.25
CA GLY A 37 -1.52 8.38 -11.68
C GLY A 37 -1.17 8.51 -10.23
N ALA A 38 -1.61 9.58 -9.60
CA ALA A 38 -1.27 9.76 -8.17
C ALA A 38 -2.13 8.89 -7.22
N LEU A 39 -1.50 8.38 -6.15
CA LEU A 39 -2.15 7.78 -4.98
C LEU A 39 -1.76 8.53 -3.73
N THR A 40 -2.77 8.96 -2.99
CA THR A 40 -2.58 9.66 -1.68
C THR A 40 -3.55 9.10 -0.71
N GLY A 41 -3.15 9.03 0.58
CA GLY A 41 -4.05 8.57 1.55
C GLY A 41 -3.44 8.34 2.91
N THR A 42 -4.03 7.39 3.60
CA THR A 42 -3.56 7.07 4.92
C THR A 42 -3.60 5.55 5.11
N TYR A 43 -2.76 5.08 6.01
CA TYR A 43 -2.61 3.64 6.30
C TYR A 43 -2.65 3.47 7.80
N GLU A 44 -3.39 2.44 8.25
CA GLU A 44 -3.42 2.09 9.71
C GLU A 44 -3.16 0.57 9.78
N SER A 45 -2.05 0.21 10.42
CA SER A 45 -1.64 -1.15 10.55
C SER A 45 -2.31 -1.72 11.76
N ALA A 46 -2.87 -2.94 11.59
CA ALA A 46 -3.42 -3.72 12.75
C ALA A 46 -2.34 -4.45 13.59
N VAL A 47 -1.12 -4.43 13.06
CA VAL A 47 0.01 -5.15 13.71
C VAL A 47 1.23 -4.29 13.81
N GLY A 48 2.12 -4.70 14.69
CA GLY A 48 3.41 -4.06 14.76
C GLY A 48 3.51 -2.81 15.61
N ASN A 49 4.64 -2.13 15.45
CA ASN A 49 4.97 -0.93 16.21
C ASN A 49 4.39 0.27 15.44
N ALA A 50 3.10 0.38 15.53
CA ALA A 50 2.31 1.33 14.80
C ALA A 50 1.03 1.63 15.56
N GLU A 51 0.67 2.88 15.56
CA GLU A 51 -0.58 3.37 16.15
C GLU A 51 -1.18 4.44 15.25
N SER A 52 -2.48 4.35 15.05
CA SER A 52 -3.23 5.37 14.36
C SER A 52 -2.81 5.41 12.85
N ARG A 53 -3.11 6.52 12.21
CA ARG A 53 -2.92 6.63 10.78
C ARG A 53 -1.53 7.19 10.41
N TYR A 54 -1.04 6.75 9.26
CA TYR A 54 0.22 7.23 8.70
C TYR A 54 -0.02 7.64 7.26
N VAL A 55 0.70 8.70 6.84
CA VAL A 55 0.57 9.15 5.49
C VAL A 55 1.11 8.15 4.51
N LEU A 56 0.44 8.03 3.39
CA LEU A 56 0.96 7.25 2.26
C LEU A 56 0.84 7.99 0.95
N THR A 57 1.81 7.68 0.06
CA THR A 57 1.78 8.23 -1.27
C THR A 57 2.20 7.12 -2.21
N GLY A 58 1.75 7.20 -3.47
CA GLY A 58 2.15 6.22 -4.44
C GLY A 58 1.77 6.58 -5.83
N ARG A 59 1.79 5.56 -6.69
CA ARG A 59 1.49 5.75 -8.16
C ARG A 59 0.74 4.53 -8.70
N TYR A 60 -0.09 4.74 -9.71
CA TYR A 60 -0.70 3.66 -10.43
C TYR A 60 -0.69 3.94 -11.91
N ASP A 61 -0.83 2.86 -12.69
CA ASP A 61 -0.91 2.93 -14.12
C ASP A 61 -2.36 3.42 -14.48
N SER A 62 -2.48 4.68 -14.92
CA SER A 62 -3.81 5.24 -15.24
C SER A 62 -4.37 4.87 -16.62
N ALA A 63 -3.63 4.06 -17.39
CA ALA A 63 -4.09 3.58 -18.71
C ALA A 63 -3.70 2.10 -18.86
N PRO A 64 -4.29 1.24 -18.03
CA PRO A 64 -3.84 -0.18 -18.11
C PRO A 64 -4.25 -0.89 -19.40
N ALA A 65 -3.67 -2.07 -19.61
CA ALA A 65 -3.91 -2.89 -20.81
C ALA A 65 -5.37 -3.31 -20.77
N THR A 66 -5.98 -3.50 -21.93
CA THR A 66 -7.40 -3.69 -22.01
C THR A 66 -7.80 -5.20 -22.19
N ASP A 67 -6.87 -6.09 -21.89
CA ASP A 67 -6.99 -7.48 -22.17
C ASP A 67 -7.26 -8.35 -20.96
N GLY A 68 -7.81 -7.71 -19.93
CA GLY A 68 -8.12 -8.40 -18.71
C GLY A 68 -6.96 -8.43 -17.72
N SER A 69 -5.88 -7.76 -18.01
CA SER A 69 -4.79 -7.64 -17.04
C SER A 69 -5.12 -6.70 -15.94
N GLY A 70 -4.50 -6.94 -14.77
CA GLY A 70 -4.61 -6.04 -13.66
C GLY A 70 -3.88 -4.70 -13.92
N THR A 71 -4.10 -3.81 -12.96
CA THR A 71 -3.56 -2.43 -12.96
C THR A 71 -2.39 -2.30 -12.01
N ALA A 72 -1.16 -2.12 -12.51
CA ALA A 72 -0.02 -2.04 -11.64
C ALA A 72 -0.03 -0.76 -10.78
N LEU A 73 0.41 -0.93 -9.54
CA LEU A 73 0.47 0.20 -8.63
C LEU A 73 1.45 -0.09 -7.48
N GLY A 74 1.78 0.95 -6.77
CA GLY A 74 2.59 0.87 -5.56
C GLY A 74 2.44 2.08 -4.68
N TRP A 75 2.81 1.87 -3.42
CA TRP A 75 2.83 2.96 -2.50
C TRP A 75 3.74 2.73 -1.32
N THR A 76 4.06 3.82 -0.60
CA THR A 76 4.98 3.84 0.53
C THR A 76 4.33 4.46 1.75
N VAL A 77 4.62 3.86 2.90
CA VAL A 77 4.39 4.45 4.22
C VAL A 77 5.71 4.53 4.99
N ALA A 78 6.09 5.71 5.48
CA ALA A 78 7.12 5.77 6.46
C ALA A 78 6.45 5.78 7.84
N TRP A 79 6.91 4.92 8.75
CA TRP A 79 6.24 4.66 9.97
C TRP A 79 6.52 5.65 11.09
N LYS A 80 6.35 6.92 10.73
CA LYS A 80 6.44 8.08 11.66
C LYS A 80 5.16 8.87 11.56
N ASN A 81 4.55 9.07 12.73
CA ASN A 81 3.43 10.00 12.80
C ASN A 81 3.51 10.73 14.09
N ASN A 82 2.43 11.39 14.53
CA ASN A 82 2.55 12.11 15.82
C ASN A 82 2.66 11.26 17.06
N TYR A 83 2.35 10.00 16.94
CA TYR A 83 2.34 9.10 18.05
C TYR A 83 3.60 8.24 18.22
N ARG A 84 4.17 7.79 17.15
CA ARG A 84 5.27 6.83 17.17
C ARG A 84 6.18 7.01 16.00
N ASN A 85 7.40 6.51 16.15
CA ASN A 85 8.33 6.51 15.01
C ASN A 85 9.10 5.19 15.05
N ALA A 86 8.78 4.30 14.15
CA ALA A 86 9.44 3.01 14.10
C ALA A 86 10.72 2.95 13.25
N HIS A 87 11.13 4.12 12.74
CA HIS A 87 12.35 4.28 11.95
C HIS A 87 12.40 3.24 10.84
N SER A 88 11.30 3.17 10.10
CA SER A 88 11.04 2.15 9.10
C SER A 88 10.18 2.68 8.02
N ALA A 89 10.22 2.01 6.84
CA ALA A 89 9.29 2.36 5.78
C ALA A 89 8.93 1.05 5.07
N THR A 90 7.67 0.96 4.66
CA THR A 90 7.24 -0.17 3.85
C THR A 90 6.81 0.32 2.49
N THR A 91 7.14 -0.40 1.46
CA THR A 91 6.59 -0.17 0.15
C THR A 91 5.83 -1.43 -0.28
N TRP A 92 4.65 -1.23 -0.83
CA TRP A 92 3.84 -2.28 -1.44
C TRP A 92 3.87 -2.09 -2.95
N SER A 93 4.02 -3.21 -3.67
CA SER A 93 4.05 -3.27 -5.13
C SER A 93 3.00 -4.36 -5.47
N GLY A 94 2.11 -4.02 -6.40
CA GLY A 94 1.08 -4.97 -6.75
C GLY A 94 0.21 -4.56 -7.89
N GLN A 95 -0.93 -5.22 -7.95
CA GLN A 95 -1.89 -4.89 -8.97
C GLN A 95 -3.31 -4.95 -8.41
N TYR A 96 -4.07 -4.03 -8.94
CA TYR A 96 -5.55 -3.97 -8.71
C TYR A 96 -6.23 -4.82 -9.75
N VAL A 97 -7.18 -5.60 -9.28
CA VAL A 97 -8.00 -6.46 -10.14
C VAL A 97 -9.44 -6.07 -9.81
N GLY A 98 -10.16 -5.60 -10.84
CA GLY A 98 -11.55 -5.10 -10.63
C GLY A 98 -12.58 -6.25 -10.61
N GLY A 99 -13.85 -5.94 -10.36
CA GLY A 99 -14.97 -6.91 -10.59
C GLY A 99 -15.68 -7.11 -9.27
N ALA A 100 -16.54 -8.09 -9.20
CA ALA A 100 -17.47 -8.16 -8.04
C ALA A 100 -16.70 -8.47 -6.74
N GLU A 101 -15.56 -9.14 -6.90
CA GLU A 101 -14.68 -9.33 -5.80
C GLU A 101 -13.33 -8.62 -6.08
N ALA A 102 -13.37 -7.29 -6.12
CA ALA A 102 -12.17 -6.52 -6.38
C ALA A 102 -11.10 -6.68 -5.33
N ARG A 103 -9.84 -6.69 -5.79
CA ARG A 103 -8.75 -6.98 -4.88
C ARG A 103 -7.58 -6.14 -5.30
N ILE A 104 -6.74 -5.85 -4.35
CA ILE A 104 -5.36 -5.36 -4.63
C ILE A 104 -4.40 -6.43 -4.05
N ASN A 105 -3.66 -7.09 -4.91
CA ASN A 105 -2.72 -8.17 -4.53
C ASN A 105 -1.34 -7.52 -4.57
N THR A 106 -0.64 -7.66 -3.43
CA THR A 106 0.62 -6.98 -3.25
C THR A 106 1.68 -7.90 -2.61
N GLN A 107 2.94 -7.51 -2.90
CA GLN A 107 4.10 -7.91 -2.12
C GLN A 107 4.69 -6.63 -1.54
N TRP A 108 5.34 -6.75 -0.40
CA TRP A 108 5.91 -5.58 0.26
C TRP A 108 7.32 -5.77 0.81
N LEU A 109 8.05 -4.65 0.93
CA LEU A 109 9.38 -4.61 1.51
C LEU A 109 9.36 -3.57 2.64
N LEU A 110 9.72 -4.02 3.82
CA LEU A 110 9.79 -3.19 5.03
CA LEU A 110 9.78 -3.21 5.04
C LEU A 110 11.26 -3.05 5.44
N THR A 111 11.78 -1.85 5.25
CA THR A 111 13.20 -1.54 5.64
C THR A 111 13.21 -0.78 6.94
N MET A 112 14.05 -1.23 7.89
CA MET A 112 14.33 -0.56 9.16
C MET A 112 15.66 0.18 8.99
N GLY A 113 15.75 1.41 9.51
CA GLY A 113 17.07 2.03 9.57
C GLY A 113 18.01 1.24 10.52
N THR A 114 19.22 0.94 10.05
CA THR A 114 20.17 0.15 10.80
C THR A 114 21.56 0.74 10.75
N THR A 115 22.43 0.22 11.62
CA THR A 115 23.85 0.50 11.43
C THR A 115 24.36 -0.29 10.21
N GLU A 116 25.52 0.09 9.70
CA GLU A 116 26.14 -0.61 8.57
C GLU A 116 26.35 -2.08 8.93
N ALA A 117 26.77 -2.36 10.15
CA ALA A 117 27.00 -3.77 10.58
C ALA A 117 25.77 -4.62 10.52
N ASN A 118 24.61 -4.05 10.76
CA ASN A 118 23.35 -4.81 10.72
C ASN A 118 22.52 -4.64 9.47
N ALA A 119 23.04 -3.98 8.48
CA ALA A 119 22.29 -3.72 7.27
C ALA A 119 21.88 -4.95 6.49
N TRP A 120 22.62 -6.03 6.66
CA TRP A 120 22.21 -7.26 6.03
C TRP A 120 20.80 -7.73 6.47
N ALA A 121 20.44 -7.39 7.71
CA ALA A 121 19.21 -7.78 8.36
C ALA A 121 18.18 -6.63 8.41
N SER A 122 18.21 -5.73 7.45
CA SER A 122 17.43 -4.51 7.51
C SER A 122 16.02 -4.63 6.88
N THR A 123 15.75 -5.66 6.08
CA THR A 123 14.56 -5.64 5.23
C THR A 123 13.73 -6.92 5.36
N LEU A 124 12.46 -6.77 5.78
CA LEU A 124 11.50 -7.83 5.81
C LEU A 124 10.73 -7.81 4.49
N VAL A 125 10.26 -9.01 4.08
CA VAL A 125 9.44 -9.15 2.94
C VAL A 125 8.17 -9.93 3.27
N GLY A 126 7.10 -9.52 2.59
CA GLY A 126 5.81 -10.19 2.75
C GLY A 126 4.84 -9.92 1.66
N HIS A 127 3.57 -10.33 1.95
CA HIS A 127 2.54 -10.16 0.95
C HIS A 127 1.21 -9.86 1.64
N ASP A 128 0.48 -8.91 1.10
CA ASP A 128 -0.85 -8.52 1.59
C ASP A 128 -1.83 -8.50 0.48
N THR A 129 -3.04 -8.99 0.79
CA THR A 129 -4.12 -8.94 -0.13
C THR A 129 -5.21 -8.05 0.49
N PHE A 130 -5.64 -7.05 -0.28
CA PHE A 130 -6.65 -6.08 0.13
C PHE A 130 -7.95 -6.33 -0.60
N THR A 131 -9.05 -6.20 0.19
CA THR A 131 -10.39 -6.29 -0.32
C THR A 131 -11.19 -5.10 0.13
N LYS A 132 -12.37 -4.94 -0.49
CA LYS A 132 -13.26 -3.83 -0.13
C LYS A 132 -14.12 -4.16 1.09
N VAL A 133 -14.20 -5.44 1.49
CA VAL A 133 -14.85 -5.73 2.79
C VAL A 133 -13.89 -6.36 3.85
N LYS A 134 -14.23 -6.24 5.14
CA LYS A 134 -13.72 -6.99 6.32
C LYS A 134 -12.59 -6.25 6.90
#